data_5J8J
#
_entry.id   5J8J
#
_cell.length_a   104.974
_cell.length_b   104.974
_cell.length_c   86.964
_cell.angle_alpha   90.00
_cell.angle_beta   90.00
_cell.angle_gamma   120.00
#
_symmetry.space_group_name_H-M   'P 31 2 1'
#
_entity_poly.entity_id   1
_entity_poly.type   'polypeptide(L)'
_entity_poly.pdbx_seq_one_letter_code
;HHHHHHGSMLQKAIRQQQQHYLSDEFNFVTLPLVSMDLPDNTVLCTPNISESNTIIIVVHDTSDIWAKRNVISGTIDLSS
SVIIDNSLDFIKWGLDRKYGIIDVNIPLTLFEPDNYSGMITSQEVLIYLWDNYIKYFPSVAKIAFIGIGDSYSGIVHLLG
HRDTRAVTKTVINFLGDKQLKPLVPLVDETLSEWYFKNSLIFSNNSHQCWKENESRKPRKKFGRVLRCDTDGLNNIIEER
FEEATDFILDS
;
_entity_poly.pdbx_strand_id   A
#
# COMPACT_ATOMS: atom_id res chain seq x y z
N HIS A 3 -13.80 26.40 -15.46
CA HIS A 3 -12.95 26.17 -14.29
C HIS A 3 -11.97 25.01 -14.48
N HIS A 4 -10.69 25.32 -14.36
CA HIS A 4 -9.63 24.35 -14.65
C HIS A 4 -9.46 23.32 -13.54
N HIS A 5 -9.45 22.04 -13.90
CA HIS A 5 -9.21 20.99 -12.92
C HIS A 5 -7.85 21.11 -12.30
N HIS A 6 -7.74 20.55 -11.10
CA HIS A 6 -6.63 20.80 -10.23
C HIS A 6 -6.21 19.47 -9.60
N GLY A 7 -6.95 18.41 -9.94
CA GLY A 7 -6.73 17.11 -9.35
C GLY A 7 -5.37 16.47 -9.54
N SER A 8 -4.75 16.65 -10.69
CA SER A 8 -3.45 16.00 -10.93
C SER A 8 -2.36 16.70 -10.20
N MET A 9 -2.41 18.03 -10.22
CA MET A 9 -1.45 18.86 -9.51
C MET A 9 -1.46 18.46 -8.03
N LEU A 10 -2.66 18.28 -7.47
CA LEU A 10 -2.83 17.92 -6.08
C LEU A 10 -2.16 16.60 -5.73
N GLN A 11 -2.31 15.61 -6.60
CA GLN A 11 -1.70 14.30 -6.37
C GLN A 11 -0.19 14.39 -6.21
N LYS A 12 0.42 15.31 -6.94
CA LYS A 12 1.85 15.47 -6.93
C LYS A 12 2.28 16.31 -5.75
N ALA A 13 1.44 17.28 -5.39
CA ALA A 13 1.69 18.12 -4.21
C ALA A 13 1.64 17.31 -2.92
N ILE A 14 0.73 16.36 -2.85
CA ILE A 14 0.60 15.48 -1.71
C ILE A 14 1.85 14.60 -1.53
N ARG A 15 2.26 13.91 -2.59
CA ARG A 15 3.39 13.01 -2.52
C ARG A 15 4.67 13.75 -2.19
N GLN A 16 4.70 15.01 -2.57
CA GLN A 16 5.91 15.81 -2.45
C GLN A 16 6.10 16.33 -1.01
N GLN A 17 5.00 16.68 -0.35
CA GLN A 17 5.07 17.02 1.06
C GLN A 17 5.39 15.79 1.92
N GLN A 18 4.89 14.63 1.51
CA GLN A 18 5.21 13.37 2.15
C GLN A 18 6.70 13.08 2.04
N GLN A 19 7.19 13.14 0.81
CA GLN A 19 8.62 13.06 0.56
C GLN A 19 9.44 13.99 1.46
N HIS A 20 8.93 15.19 1.71
CA HIS A 20 9.59 16.17 2.57
C HIS A 20 9.65 15.69 4.02
N TYR A 21 8.51 15.23 4.56
CA TYR A 21 8.46 14.81 5.96
C TYR A 21 9.37 13.60 6.19
N LEU A 22 9.23 12.59 5.33
CA LEU A 22 10.00 11.34 5.44
C LEU A 22 11.50 11.56 5.27
N SER A 23 11.89 12.62 4.57
CA SER A 23 13.30 12.96 4.43
C SER A 23 13.82 13.70 5.66
N ASP A 24 13.06 14.69 6.12
CA ASP A 24 13.46 15.48 7.27
C ASP A 24 13.44 14.66 8.56
N GLU A 25 12.40 13.83 8.71
CA GLU A 25 12.16 13.10 9.96
C GLU A 25 12.87 11.76 10.04
N PHE A 26 13.01 11.05 8.93
CA PHE A 26 13.69 9.76 8.97
C PHE A 26 14.65 9.57 7.79
N ASN A 27 15.01 10.65 7.14
CA ASN A 27 15.96 10.61 6.05
C ASN A 27 15.72 9.53 5.01
N PHE A 28 14.49 9.43 4.51
CA PHE A 28 14.21 8.44 3.50
C PHE A 28 14.89 8.90 2.24
N VAL A 29 14.74 8.16 1.17
CA VAL A 29 15.35 8.55 -0.08
C VAL A 29 14.55 7.98 -1.20
N THR A 30 14.96 8.23 -2.43
CA THR A 30 14.21 7.74 -3.55
C THR A 30 14.80 6.50 -4.15
N LEU A 31 13.96 5.64 -4.68
CA LEU A 31 14.42 4.43 -5.31
C LEU A 31 14.17 4.58 -6.77
N PRO A 32 15.18 5.08 -7.44
CA PRO A 32 15.14 5.36 -8.88
C PRO A 32 14.44 4.25 -9.60
N LEU A 33 13.29 4.55 -10.16
CA LEU A 33 12.52 3.58 -10.91
C LEU A 33 12.68 3.96 -12.37
N VAL A 34 13.95 4.10 -12.76
CA VAL A 34 14.38 4.57 -14.08
C VAL A 34 13.79 3.69 -15.17
N SER A 35 13.58 4.29 -16.35
CA SER A 35 13.02 3.63 -17.54
C SER A 35 11.53 3.37 -17.37
N MET A 36 10.92 4.12 -16.45
CA MET A 36 9.47 4.21 -16.34
C MET A 36 9.08 5.66 -16.22
N ASP A 37 7.99 6.05 -16.86
CA ASP A 37 7.66 7.47 -16.86
C ASP A 37 6.80 7.78 -15.65
N LEU A 38 7.37 7.55 -14.47
CA LEU A 38 6.75 7.87 -13.20
C LEU A 38 7.68 8.76 -12.39
N PRO A 39 7.11 9.61 -11.51
CA PRO A 39 7.94 10.57 -10.77
C PRO A 39 8.93 9.88 -9.83
N ASP A 40 9.96 10.62 -9.42
CA ASP A 40 11.04 10.04 -8.64
C ASP A 40 10.57 9.57 -7.28
N ASN A 41 9.70 10.34 -6.67
CA ASN A 41 9.28 10.05 -5.31
C ASN A 41 8.16 9.03 -5.28
N THR A 42 8.03 8.27 -6.35
CA THR A 42 7.04 7.20 -6.37
C THR A 42 7.34 6.18 -5.30
N VAL A 43 8.55 5.64 -5.33
CA VAL A 43 9.06 4.74 -4.31
C VAL A 43 10.07 5.42 -3.39
N LEU A 44 9.79 5.39 -2.09
CA LEU A 44 10.70 5.91 -1.06
C LEU A 44 11.08 4.83 -0.01
N CYS A 45 12.31 4.87 0.50
CA CYS A 45 12.77 3.78 1.37
C CYS A 45 13.83 4.17 2.36
N THR A 46 13.88 3.50 3.52
CA THR A 46 14.99 3.68 4.46
C THR A 46 16.34 3.57 3.76
N PRO A 47 17.32 4.38 4.19
CA PRO A 47 18.67 4.26 3.64
C PRO A 47 19.32 2.90 3.96
N ASN A 48 20.20 2.44 3.08
CA ASN A 48 20.85 1.13 3.21
C ASN A 48 19.82 0.00 3.24
N ILE A 49 18.74 0.19 2.50
CA ILE A 49 17.65 -0.78 2.43
C ILE A 49 18.17 -2.12 1.93
N SER A 50 19.17 -2.02 1.05
CA SER A 50 19.84 -3.17 0.46
C SER A 50 20.50 -4.06 1.52
N GLU A 51 20.89 -3.43 2.64
CA GLU A 51 21.56 -4.14 3.72
C GLU A 51 20.62 -4.43 4.89
N SER A 52 19.31 -4.36 4.64
CA SER A 52 18.33 -4.63 5.69
C SER A 52 17.92 -6.10 5.76
N ASN A 53 17.75 -6.58 7.00
CA ASN A 53 17.27 -7.93 7.23
C ASN A 53 15.79 -8.06 6.93
N THR A 54 14.97 -7.39 7.74
CA THR A 54 13.52 -7.43 7.61
C THR A 54 13.00 -6.14 6.98
N ILE A 55 12.16 -6.28 5.95
CA ILE A 55 11.61 -5.10 5.29
C ILE A 55 10.08 -5.08 5.37
N ILE A 56 9.54 -3.96 5.82
CA ILE A 56 8.13 -3.71 5.63
C ILE A 56 7.92 -2.88 4.35
N ILE A 57 7.12 -3.40 3.44
CA ILE A 57 6.85 -2.71 2.18
C ILE A 57 5.40 -2.23 2.12
N VAL A 58 5.21 -0.91 2.24
CA VAL A 58 3.86 -0.34 2.28
C VAL A 58 3.46 0.30 0.95
N VAL A 59 2.42 -0.26 0.34
CA VAL A 59 1.95 0.19 -0.97
C VAL A 59 0.60 0.89 -0.83
N HIS A 60 0.47 2.07 -1.42
CA HIS A 60 -0.76 2.82 -1.30
C HIS A 60 -1.01 3.74 -2.48
N ASP A 61 -2.25 4.17 -2.63
CA ASP A 61 -2.57 5.15 -3.65
C ASP A 61 -2.30 6.51 -3.05
N THR A 62 -2.43 7.60 -3.81
CA THR A 62 -2.22 8.92 -3.21
C THR A 62 -3.13 9.05 -1.97
N SER A 63 -2.58 9.64 -0.90
CA SER A 63 -3.33 9.89 0.33
C SER A 63 -4.50 10.85 0.12
N ASP A 64 -5.54 10.70 0.95
CA ASP A 64 -6.65 11.65 0.98
C ASP A 64 -6.22 12.96 1.61
N ILE A 65 -6.99 14.00 1.30
CA ILE A 65 -6.88 15.29 1.95
C ILE A 65 -8.21 15.55 2.61
N TRP A 66 -8.16 15.85 3.90
CA TRP A 66 -9.35 16.24 4.61
C TRP A 66 -9.27 17.74 4.81
N ALA A 67 -10.39 18.40 4.64
CA ALA A 67 -10.45 19.82 4.90
C ALA A 67 -11.90 20.18 5.14
N LYS A 68 -12.14 21.14 6.03
CA LYS A 68 -13.49 21.69 6.13
C LYS A 68 -13.79 22.47 4.86
N ARG A 69 -15.07 22.74 4.67
CA ARG A 69 -15.48 23.41 3.46
C ARG A 69 -16.61 24.40 3.65
N ASN A 70 -16.29 25.68 3.50
CA ASN A 70 -17.29 26.75 3.60
C ASN A 70 -18.50 26.26 2.82
N VAL A 71 -19.57 25.97 3.54
CA VAL A 71 -20.68 25.16 3.02
C VAL A 71 -21.39 25.75 1.79
N ILE A 72 -21.55 27.08 1.74
CA ILE A 72 -22.32 27.68 0.66
C ILE A 72 -21.44 28.13 -0.51
N SER A 73 -20.22 28.56 -0.23
CA SER A 73 -19.29 28.88 -1.31
C SER A 73 -18.78 27.57 -1.88
N GLY A 74 -18.72 26.55 -1.02
CA GLY A 74 -18.35 25.21 -1.44
C GLY A 74 -16.85 25.03 -1.58
N THR A 75 -16.10 26.06 -1.19
CA THR A 75 -14.66 26.04 -1.38
C THR A 75 -13.98 25.50 -0.14
N ILE A 76 -12.76 25.02 -0.33
CA ILE A 76 -12.02 24.29 0.68
C ILE A 76 -11.23 25.22 1.60
N ASP A 77 -11.41 25.08 2.91
CA ASP A 77 -10.64 25.84 3.90
C ASP A 77 -9.19 25.38 3.93
N LEU A 78 -8.32 26.15 3.27
CA LEU A 78 -6.92 25.76 3.11
C LEU A 78 -6.20 25.55 4.44
N SER A 79 -6.51 26.37 5.43
CA SER A 79 -5.84 26.28 6.73
C SER A 79 -6.30 25.04 7.51
N SER A 80 -7.47 24.51 7.16
CA SER A 80 -7.94 23.27 7.77
C SER A 80 -7.51 22.02 7.02
N SER A 81 -6.86 22.20 5.88
CA SER A 81 -6.53 21.04 5.04
C SER A 81 -5.37 20.24 5.63
N VAL A 82 -5.53 18.93 5.64
CA VAL A 82 -4.52 18.03 6.21
C VAL A 82 -4.43 16.76 5.39
N ILE A 83 -3.26 16.13 5.42
CA ILE A 83 -3.07 14.86 4.74
C ILE A 83 -3.40 13.70 5.67
N ILE A 84 -4.32 12.84 5.22
CA ILE A 84 -4.61 11.60 5.94
C ILE A 84 -3.71 10.50 5.41
N ASP A 85 -2.53 10.40 6.01
CA ASP A 85 -1.49 9.46 5.61
C ASP A 85 -1.64 8.09 6.28
N ASN A 86 -2.26 7.13 5.60
CA ASN A 86 -2.54 5.81 6.14
C ASN A 86 -1.34 4.87 6.27
N SER A 87 -0.17 5.30 5.83
CA SER A 87 0.97 4.40 5.93
C SER A 87 1.97 4.86 6.99
N LEU A 88 1.77 6.06 7.53
CA LEU A 88 2.77 6.68 8.37
C LEU A 88 2.97 5.93 9.68
N ASP A 89 1.89 5.43 10.25
CA ASP A 89 1.94 4.66 11.48
C ASP A 89 2.61 3.28 11.29
N PHE A 90 2.46 2.68 10.12
CA PHE A 90 3.21 1.46 9.86
C PHE A 90 4.68 1.79 9.70
N ILE A 91 4.99 2.95 9.13
CA ILE A 91 6.39 3.32 8.93
C ILE A 91 7.05 3.54 10.27
N LYS A 92 6.39 4.29 11.14
CA LYS A 92 6.90 4.57 12.48
C LYS A 92 7.01 3.28 13.31
N TRP A 93 6.03 2.38 13.16
CA TRP A 93 6.05 1.08 13.82
C TRP A 93 7.27 0.23 13.44
N GLY A 94 7.62 0.23 12.16
CA GLY A 94 8.72 -0.56 11.66
C GLY A 94 10.09 0.04 11.94
N LEU A 95 10.16 1.37 11.97
CA LEU A 95 11.41 2.05 12.23
C LEU A 95 11.78 1.82 13.68
N ASP A 96 10.76 1.78 14.54
CA ASP A 96 10.94 1.57 15.96
C ASP A 96 11.30 0.14 16.30
N ARG A 97 11.52 -0.68 15.28
CA ARG A 97 11.99 -2.05 15.46
C ARG A 97 13.16 -2.27 14.51
N LYS A 98 13.67 -1.17 13.96
CA LYS A 98 14.84 -1.18 13.08
C LYS A 98 14.63 -1.95 11.79
N TYR A 99 13.38 -2.06 11.33
CA TYR A 99 13.13 -2.72 10.05
C TYR A 99 13.48 -1.80 8.89
N GLY A 100 13.71 -2.38 7.72
CA GLY A 100 13.82 -1.59 6.51
C GLY A 100 12.43 -1.23 6.01
N ILE A 101 12.25 0.00 5.56
CA ILE A 101 10.94 0.43 5.09
C ILE A 101 10.99 0.77 3.61
N ILE A 102 10.02 0.26 2.85
CA ILE A 102 9.83 0.71 1.47
C ILE A 102 8.41 1.24 1.32
N ASP A 103 8.28 2.49 0.88
CA ASP A 103 6.98 3.14 0.68
C ASP A 103 6.68 3.38 -0.81
N VAL A 104 5.68 2.67 -1.34
CA VAL A 104 5.27 2.86 -2.75
C VAL A 104 3.96 3.67 -2.90
N ASN A 105 4.03 4.74 -3.70
CA ASN A 105 2.87 5.61 -3.96
C ASN A 105 2.35 5.45 -5.40
N ILE A 106 1.10 5.04 -5.53
CA ILE A 106 0.49 4.90 -6.85
C ILE A 106 -0.56 5.97 -7.07
N PRO A 107 -0.39 6.79 -8.12
CA PRO A 107 -1.33 7.89 -8.40
C PRO A 107 -2.68 7.35 -8.75
N LEU A 108 -3.72 7.93 -8.17
CA LEU A 108 -5.07 7.56 -8.56
C LEU A 108 -5.34 7.93 -9.99
N THR A 109 -6.10 7.12 -10.69
CA THR A 109 -6.62 7.52 -11.98
C THR A 109 -7.87 8.36 -11.75
N LEU A 110 -7.72 9.67 -11.80
CA LEU A 110 -8.86 10.58 -11.70
C LEU A 110 -9.45 10.69 -13.08
N PHE A 111 -10.71 11.10 -13.14
CA PHE A 111 -11.40 11.36 -14.43
C PHE A 111 -11.56 10.07 -15.24
N GLU A 112 -12.20 9.07 -14.64
CA GLU A 112 -12.43 7.77 -15.27
C GLU A 112 -13.31 6.96 -14.33
N PRO A 113 -14.17 6.10 -14.87
CA PRO A 113 -15.22 5.47 -14.07
C PRO A 113 -14.69 4.72 -12.84
N ASP A 114 -13.49 4.19 -12.94
CA ASP A 114 -12.85 3.55 -11.79
C ASP A 114 -11.33 3.62 -11.95
N ASN A 115 -10.61 2.82 -11.16
CA ASN A 115 -9.16 2.95 -11.03
C ASN A 115 -8.43 1.78 -11.64
N TYR A 116 -9.04 1.12 -12.61
CA TYR A 116 -8.39 0.03 -13.33
C TYR A 116 -6.94 0.35 -13.66
N SER A 117 -6.74 1.49 -14.30
CA SER A 117 -5.41 1.88 -14.73
C SER A 117 -4.40 2.03 -13.59
N GLY A 118 -4.83 2.59 -12.46
CA GLY A 118 -3.94 2.75 -11.32
C GLY A 118 -3.46 1.39 -10.82
N MET A 119 -4.37 0.42 -10.83
CA MET A 119 -4.06 -0.93 -10.40
C MET A 119 -3.00 -1.57 -11.28
N ILE A 120 -3.11 -1.32 -12.60
CA ILE A 120 -2.15 -1.84 -13.57
C ILE A 120 -0.77 -1.25 -13.30
N THR A 121 -0.72 0.04 -13.01
CA THR A 121 0.50 0.74 -12.64
C THR A 121 1.10 0.14 -11.37
N SER A 122 0.23 -0.17 -10.41
CA SER A 122 0.66 -0.80 -9.18
C SER A 122 1.31 -2.14 -9.49
N GLN A 123 0.74 -2.88 -10.44
CA GLN A 123 1.32 -4.17 -10.78
C GLN A 123 2.70 -4.00 -11.39
N GLU A 124 2.84 -2.96 -12.17
CA GLU A 124 4.06 -2.76 -12.92
C GLU A 124 5.20 -2.29 -12.02
N VAL A 125 4.89 -1.41 -11.08
CA VAL A 125 5.90 -0.91 -10.15
C VAL A 125 6.44 -1.98 -9.19
N LEU A 126 5.56 -2.82 -8.66
CA LEU A 126 6.00 -3.89 -7.79
C LEU A 126 6.76 -4.96 -8.54
N ILE A 127 6.53 -5.07 -9.84
CA ILE A 127 7.31 -6.03 -10.63
C ILE A 127 8.69 -5.44 -10.88
N TYR A 128 8.75 -4.16 -11.21
CA TYR A 128 10.02 -3.49 -11.41
C TYR A 128 10.83 -3.57 -10.11
N LEU A 129 10.20 -3.22 -8.99
CA LEU A 129 10.85 -3.29 -7.69
C LEU A 129 11.43 -4.66 -7.38
N TRP A 130 10.69 -5.71 -7.72
CA TRP A 130 11.13 -7.05 -7.37
C TRP A 130 12.20 -7.60 -8.29
N ASP A 131 12.14 -7.24 -9.58
CA ASP A 131 13.06 -7.78 -10.58
C ASP A 131 14.39 -7.05 -10.66
N ASN A 132 14.38 -5.75 -10.38
CA ASN A 132 15.59 -4.94 -10.52
C ASN A 132 16.22 -4.64 -9.17
N TYR A 133 15.38 -4.58 -8.14
CA TYR A 133 15.82 -4.45 -6.76
C TYR A 133 15.32 -5.66 -6.01
N ILE A 134 15.57 -5.73 -4.71
CA ILE A 134 15.03 -6.81 -3.87
C ILE A 134 15.53 -8.19 -4.25
N LYS A 135 15.28 -8.63 -5.49
CA LYS A 135 15.79 -9.90 -5.98
C LYS A 135 17.31 -9.93 -5.82
N TYR A 136 17.92 -8.74 -5.84
CA TYR A 136 19.36 -8.61 -5.70
C TYR A 136 19.75 -8.01 -4.33
N PHE A 137 18.87 -8.11 -3.33
CA PHE A 137 19.21 -7.76 -1.96
C PHE A 137 19.81 -8.96 -1.22
N PRO A 138 21.07 -8.84 -0.80
CA PRO A 138 21.80 -9.98 -0.23
C PRO A 138 21.27 -10.38 1.15
N SER A 139 20.98 -9.36 1.95
CA SER A 139 20.72 -9.56 3.37
C SER A 139 19.24 -9.56 3.73
N VAL A 140 18.38 -9.53 2.73
CA VAL A 140 16.95 -9.50 3.03
C VAL A 140 16.45 -10.89 3.38
N ALA A 141 15.85 -10.98 4.56
CA ALA A 141 15.11 -12.15 5.01
C ALA A 141 13.91 -11.65 5.78
N LYS A 142 12.72 -12.12 5.40
CA LYS A 142 11.45 -11.65 5.94
C LYS A 142 11.02 -10.27 5.37
N ILE A 143 10.06 -10.33 4.44
CA ILE A 143 9.32 -9.16 4.00
C ILE A 143 7.84 -9.29 4.42
N ALA A 144 7.27 -8.18 4.86
CA ALA A 144 5.82 -8.08 5.02
C ALA A 144 5.33 -7.02 4.05
N PHE A 145 4.23 -7.34 3.34
CA PHE A 145 3.56 -6.41 2.41
C PHE A 145 2.30 -5.86 3.01
N ILE A 146 2.17 -4.54 3.00
CA ILE A 146 0.91 -3.93 3.37
C ILE A 146 0.40 -3.10 2.20
N GLY A 147 -0.80 -3.43 1.76
CA GLY A 147 -1.40 -2.74 0.65
C GLY A 147 -2.62 -2.00 1.10
N ILE A 148 -2.64 -0.69 0.87
CA ILE A 148 -3.80 0.11 1.18
C ILE A 148 -4.63 0.41 -0.07
N GLY A 149 -5.92 0.10 -0.02
CA GLY A 149 -6.84 0.33 -1.12
C GLY A 149 -6.65 -0.52 -2.35
N ASP A 150 -6.80 0.09 -3.52
CA ASP A 150 -6.70 -0.58 -4.81
C ASP A 150 -5.28 -1.01 -5.11
N SER A 151 -4.31 -0.19 -4.66
CA SER A 151 -2.88 -0.45 -4.86
C SER A 151 -2.43 -1.87 -4.51
N TYR A 152 -3.19 -2.55 -3.65
CA TYR A 152 -2.91 -3.92 -3.25
C TYR A 152 -2.88 -4.89 -4.45
N SER A 153 -3.47 -4.50 -5.57
CA SER A 153 -3.48 -5.32 -6.76
C SER A 153 -2.04 -5.63 -7.20
N GLY A 154 -1.14 -4.67 -7.02
CA GLY A 154 0.25 -4.85 -7.41
C GLY A 154 0.92 -5.94 -6.59
N ILE A 155 0.56 -6.01 -5.32
CA ILE A 155 1.07 -7.04 -4.42
C ILE A 155 0.58 -8.42 -4.85
N VAL A 156 -0.74 -8.62 -4.93
CA VAL A 156 -1.27 -9.92 -5.35
C VAL A 156 -0.70 -10.37 -6.68
N HIS A 157 -0.52 -9.43 -7.59
CA HIS A 157 0.01 -9.72 -8.93
C HIS A 157 1.40 -10.30 -8.82
N LEU A 158 2.22 -9.69 -7.95
CA LEU A 158 3.61 -10.12 -7.77
C LEU A 158 3.72 -11.51 -7.14
N LEU A 159 2.86 -11.79 -6.16
CA LEU A 159 2.79 -13.11 -5.55
C LEU A 159 2.56 -14.18 -6.59
N GLY A 160 1.71 -13.89 -7.57
CA GLY A 160 1.29 -14.91 -8.52
C GLY A 160 2.19 -15.02 -9.73
N HIS A 161 2.96 -13.96 -9.98
CA HIS A 161 3.80 -13.89 -11.16
C HIS A 161 5.28 -14.04 -10.82
N ARG A 162 5.60 -14.11 -9.53
CA ARG A 162 6.97 -14.40 -9.09
C ARG A 162 7.01 -15.35 -7.89
N ASP A 163 7.90 -16.32 -7.95
CA ASP A 163 8.13 -17.14 -6.77
C ASP A 163 8.75 -16.20 -5.74
N THR A 164 8.22 -16.24 -4.53
CA THR A 164 8.40 -15.12 -3.64
C THR A 164 8.39 -15.57 -2.19
N ARG A 165 7.94 -16.80 -1.99
CA ARG A 165 7.65 -17.29 -0.65
C ARG A 165 8.94 -17.51 0.15
N ALA A 166 10.06 -17.42 -0.53
CA ALA A 166 11.35 -17.50 0.14
C ALA A 166 11.52 -16.40 1.16
N VAL A 167 10.91 -15.24 0.92
CA VAL A 167 11.14 -14.09 1.79
C VAL A 167 9.84 -13.46 2.28
N THR A 168 8.77 -13.57 1.49
CA THR A 168 7.47 -13.03 1.90
C THR A 168 6.87 -13.86 3.04
N LYS A 169 6.57 -13.20 4.16
CA LYS A 169 6.08 -13.89 5.36
C LYS A 169 4.61 -13.55 5.65
N THR A 170 4.18 -12.37 5.22
CA THR A 170 2.82 -11.87 5.44
C THR A 170 2.40 -10.92 4.31
N VAL A 171 1.14 -10.98 3.91
CA VAL A 171 0.56 -9.92 3.11
C VAL A 171 -0.66 -9.37 3.84
N ILE A 172 -0.72 -8.05 3.97
CA ILE A 172 -1.91 -7.39 4.53
C ILE A 172 -2.53 -6.41 3.54
N ASN A 173 -3.85 -6.42 3.50
CA ASN A 173 -4.61 -5.53 2.67
C ASN A 173 -5.68 -4.79 3.43
N PHE A 174 -5.55 -3.47 3.53
CA PHE A 174 -6.58 -2.69 4.18
C PHE A 174 -7.43 -2.22 3.01
N LEU A 175 -8.44 -3.01 2.68
CA LEU A 175 -9.31 -2.78 1.54
C LEU A 175 -10.31 -1.66 1.53
N GLY A 176 -11.13 -1.55 2.55
CA GLY A 176 -12.12 -0.50 2.58
C GLY A 176 -13.34 -0.91 1.83
N ASP A 177 -13.74 -0.13 0.84
CA ASP A 177 -14.92 -0.47 0.07
C ASP A 177 -14.56 -0.94 -1.30
N LYS A 178 -13.27 -1.02 -1.59
CA LYS A 178 -12.80 -1.47 -2.89
C LYS A 178 -13.12 -2.94 -3.15
N GLN A 179 -12.86 -3.38 -4.37
CA GLN A 179 -13.17 -4.73 -4.78
C GLN A 179 -12.08 -5.70 -4.42
N LEU A 180 -12.47 -6.87 -3.98
CA LEU A 180 -11.50 -7.86 -3.55
C LEU A 180 -10.63 -8.26 -4.72
N LYS A 181 -9.34 -8.40 -4.47
CA LYS A 181 -8.37 -8.81 -5.49
C LYS A 181 -8.10 -10.30 -5.46
N PRO A 182 -8.45 -11.02 -6.53
CA PRO A 182 -8.16 -12.46 -6.44
C PRO A 182 -6.70 -12.74 -6.69
N LEU A 183 -6.20 -13.81 -6.08
CA LEU A 183 -4.91 -14.36 -6.43
C LEU A 183 -5.17 -15.57 -7.28
N VAL A 184 -4.69 -15.52 -8.51
CA VAL A 184 -4.74 -16.67 -9.39
C VAL A 184 -3.31 -17.12 -9.58
N PRO A 185 -2.90 -18.17 -8.85
CA PRO A 185 -1.51 -18.64 -8.97
C PRO A 185 -1.18 -19.06 -10.40
N LEU A 186 0.06 -18.84 -10.77
CA LEU A 186 0.54 -19.22 -12.09
C LEU A 186 1.61 -20.28 -11.98
N VAL A 187 2.53 -20.08 -11.03
CA VAL A 187 3.65 -21.00 -10.87
C VAL A 187 3.23 -22.21 -10.01
N ASP A 188 2.63 -22.00 -8.83
CA ASP A 188 2.40 -23.10 -7.88
C ASP A 188 1.00 -23.03 -7.23
N GLU A 189 0.28 -24.14 -7.23
CA GLU A 189 -1.07 -24.17 -6.65
C GLU A 189 -1.13 -24.18 -5.12
N THR A 190 -0.05 -24.60 -4.47
CA THR A 190 0.08 -24.47 -3.02
C THR A 190 -0.19 -23.04 -2.60
N LEU A 191 0.24 -22.12 -3.46
CA LEU A 191 0.14 -20.67 -3.25
C LEU A 191 -1.26 -20.24 -2.83
N SER A 192 -2.29 -20.92 -3.30
CA SER A 192 -3.65 -20.59 -2.90
C SER A 192 -3.83 -20.82 -1.42
N GLU A 193 -3.35 -21.97 -0.94
CA GLU A 193 -3.46 -22.31 0.47
C GLU A 193 -2.53 -21.44 1.31
N TRP A 194 -1.34 -21.18 0.81
CA TRP A 194 -0.40 -20.31 1.51
C TRP A 194 -0.97 -18.93 1.69
N TYR A 195 -1.56 -18.39 0.61
CA TYR A 195 -2.09 -17.04 0.59
C TYR A 195 -3.23 -16.89 1.56
N PHE A 196 -4.08 -17.91 1.68
CA PHE A 196 -5.16 -17.81 2.64
C PHE A 196 -4.63 -17.81 4.09
N LYS A 197 -3.60 -18.61 4.35
CA LYS A 197 -3.07 -18.72 5.70
C LYS A 197 -2.07 -17.63 6.06
N ASN A 198 -1.73 -16.77 5.10
CA ASN A 198 -0.74 -15.75 5.40
C ASN A 198 -1.13 -14.33 5.08
N SER A 199 -2.44 -14.10 5.04
CA SER A 199 -2.98 -12.82 4.66
C SER A 199 -4.10 -12.37 5.57
N LEU A 200 -4.31 -11.07 5.61
CA LEU A 200 -5.48 -10.50 6.25
C LEU A 200 -6.04 -9.48 5.30
N ILE A 201 -7.30 -9.64 4.93
CA ILE A 201 -7.90 -8.64 4.08
C ILE A 201 -9.00 -7.94 4.86
N PHE A 202 -8.69 -6.72 5.26
CA PHE A 202 -9.60 -5.94 6.08
C PHE A 202 -10.54 -5.06 5.27
N SER A 203 -11.84 -5.31 5.35
CA SER A 203 -12.77 -4.49 4.60
C SER A 203 -13.80 -3.85 5.50
N ASN A 204 -14.34 -2.74 5.00
CA ASN A 204 -15.46 -1.99 5.56
C ASN A 204 -16.59 -2.88 6.01
N ASN A 205 -17.18 -2.52 7.14
CA ASN A 205 -18.39 -3.17 7.62
C ASN A 205 -19.49 -3.23 6.55
N SER A 206 -19.61 -2.16 5.76
CA SER A 206 -20.70 -1.99 4.79
C SER A 206 -20.40 -2.55 3.42
N HIS A 207 -19.46 -3.48 3.33
CA HIS A 207 -18.98 -3.91 2.03
C HIS A 207 -20.02 -4.69 1.24
N GLN A 208 -19.89 -4.66 -0.09
CA GLN A 208 -20.73 -5.48 -0.98
C GLN A 208 -20.75 -6.92 -0.50
N CYS A 209 -19.56 -7.50 -0.31
CA CYS A 209 -19.47 -8.86 0.20
C CYS A 209 -20.07 -8.84 1.60
N TRP A 210 -20.70 -9.93 2.00
CA TRP A 210 -21.55 -9.96 3.21
C TRP A 210 -22.79 -9.07 3.08
N LYS A 211 -23.64 -9.27 2.08
CA LYS A 211 -24.83 -8.43 1.99
C LYS A 211 -26.08 -9.22 1.63
N LYS A 217 -19.69 -15.12 2.18
CA LYS A 217 -19.40 -15.90 0.98
C LYS A 217 -18.09 -15.56 0.20
N PRO A 218 -17.07 -14.93 0.83
CA PRO A 218 -15.88 -14.75 -0.03
C PRO A 218 -15.06 -16.02 -0.29
N ARG A 219 -14.72 -16.29 -1.55
CA ARG A 219 -13.98 -17.50 -1.95
C ARG A 219 -12.49 -17.47 -1.55
N LYS A 220 -11.85 -18.62 -1.50
CA LYS A 220 -10.51 -18.73 -0.92
C LYS A 220 -9.43 -18.03 -1.75
N LYS A 221 -9.74 -17.73 -3.01
CA LYS A 221 -8.77 -17.08 -3.90
C LYS A 221 -8.54 -15.65 -3.44
N PHE A 222 -9.40 -15.19 -2.54
CA PHE A 222 -9.35 -13.84 -2.05
C PHE A 222 -8.54 -13.71 -0.75
N GLY A 223 -8.33 -14.84 -0.06
CA GLY A 223 -7.40 -14.95 1.03
C GLY A 223 -7.73 -14.49 2.45
N ARG A 224 -8.90 -14.85 2.97
CA ARG A 224 -9.27 -14.54 4.38
C ARG A 224 -9.66 -13.09 4.55
N VAL A 225 -10.92 -12.86 4.22
CA VAL A 225 -11.48 -11.55 4.25
C VAL A 225 -12.07 -11.38 5.62
N LEU A 226 -11.90 -10.20 6.21
CA LEU A 226 -12.44 -9.92 7.52
C LEU A 226 -13.31 -8.69 7.46
N ARG A 227 -14.45 -8.74 8.15
CA ARG A 227 -15.37 -7.63 8.25
C ARG A 227 -15.12 -6.73 9.45
N CYS A 228 -14.51 -5.58 9.23
CA CYS A 228 -14.27 -4.66 10.33
C CYS A 228 -15.57 -4.13 10.89
N ASP A 229 -15.48 -3.41 12.00
CA ASP A 229 -16.67 -2.90 12.65
C ASP A 229 -16.99 -1.47 12.21
N THR A 230 -16.07 -0.85 11.47
CA THR A 230 -16.24 0.52 11.00
C THR A 230 -16.00 0.60 9.50
N ASP A 231 -16.14 1.81 8.94
CA ASP A 231 -15.88 2.04 7.51
C ASP A 231 -14.89 3.19 7.33
N GLY A 232 -14.15 3.15 6.23
CA GLY A 232 -13.18 4.19 5.95
C GLY A 232 -11.81 3.64 6.23
N LEU A 233 -10.93 3.74 5.24
CA LEU A 233 -9.57 3.22 5.36
C LEU A 233 -8.91 3.67 6.66
N ASN A 234 -9.01 4.95 6.97
CA ASN A 234 -8.38 5.49 8.18
C ASN A 234 -8.96 4.85 9.42
N ASN A 235 -10.26 4.59 9.40
CA ASN A 235 -10.94 4.03 10.54
C ASN A 235 -10.60 2.57 10.78
N ILE A 236 -10.57 1.77 9.71
CA ILE A 236 -10.30 0.35 9.85
C ILE A 236 -8.80 0.11 10.15
N ILE A 237 -7.94 1.05 9.79
CA ILE A 237 -6.52 0.93 10.08
C ILE A 237 -6.30 1.24 11.57
N GLU A 238 -6.98 2.28 12.04
CA GLU A 238 -6.97 2.62 13.46
C GLU A 238 -7.56 1.47 14.25
N GLU A 239 -8.61 0.87 13.71
CA GLU A 239 -9.34 -0.16 14.41
C GLU A 239 -8.56 -1.46 14.53
N ARG A 240 -7.71 -1.73 13.53
CA ARG A 240 -7.12 -3.05 13.43
C ARG A 240 -5.61 -3.03 13.21
N PHE A 241 -4.99 -1.89 13.48
CA PHE A 241 -3.53 -1.76 13.44
C PHE A 241 -2.83 -2.81 14.32
N GLU A 242 -3.37 -3.06 15.51
CA GLU A 242 -2.73 -4.02 16.39
C GLU A 242 -2.90 -5.44 15.86
N GLU A 243 -4.12 -5.82 15.47
CA GLU A 243 -4.32 -7.14 14.89
C GLU A 243 -3.38 -7.39 13.71
N ALA A 244 -3.21 -6.36 12.88
CA ALA A 244 -2.29 -6.40 11.74
C ALA A 244 -0.83 -6.62 12.14
N THR A 245 -0.30 -5.74 12.99
CA THR A 245 1.10 -5.83 13.41
C THR A 245 1.35 -7.13 14.16
N ASP A 246 0.37 -7.54 14.97
CA ASP A 246 0.40 -8.85 15.62
C ASP A 246 0.59 -9.95 14.60
N PHE A 247 -0.29 -9.99 13.61
CA PHE A 247 -0.21 -11.01 12.57
C PHE A 247 1.14 -10.98 11.85
N ILE A 248 1.71 -9.80 11.69
CA ILE A 248 2.98 -9.67 11.00
C ILE A 248 4.08 -10.37 11.77
N LEU A 249 4.23 -9.99 13.04
CA LEU A 249 5.35 -10.44 13.87
C LEU A 249 5.43 -11.97 14.00
N ASP A 250 4.30 -12.66 14.01
CA ASP A 250 4.27 -14.14 14.09
C ASP A 250 4.71 -14.81 12.80
N SER A 251 5.53 -14.14 12.01
CA SER A 251 6.07 -14.75 10.80
C SER A 251 7.44 -14.17 10.55
#